data_4FIC
#
_entry.id   4FIC
#
_cell.length_a   42.034
_cell.length_b   63.013
_cell.length_c   73.561
_cell.angle_alpha   79.630
_cell.angle_beta   88.120
_cell.angle_gamma   90.170
#
_symmetry.space_group_name_H-M   'P 1'
#
loop_
_entity.id
_entity.type
_entity.pdbx_description
1 polymer 'Proto-oncogene tyrosine-protein kinase Src'
2 non-polymer 6-phenyl[1,2,4]triazolo[1,5-a]pyrazin-2-amine
3 water water
#
_entity_poly.entity_id   1
_entity_poly.type   'polypeptide(L)'
_entity_poly.pdbx_seq_one_letter_code
;GHMQTQGLAKDAWEIPRESLRLEVKLGQGCFGEVWMGTWNGTTRVAIKTLKPGTMSPEAFLQEAQVMKKLRHEKLVQLYA
VVSEEPIYIVTEYMSKGSLLDFLKGEMGKYLRLPQLVDMAAQIASGMAYVERMNYVHRDLRAANILVGENLVCKVADFGL
ARLIEDNEYTARQGAKFPIKWTAPEAALYGRFTIKSDVWSFGILLTELTTKGRVPYPGMVNREVLDQVERGYRMPCPPEC
PESLHDLMCQCWRKDPEERPTFEYLQAFLEDYFTSTEPQYQPGENL
;
_entity_poly.pdbx_strand_id   A,B
#
# COMPACT_ATOMS: atom_id res chain seq x y z
N LEU A 8 1.87 4.12 -48.26
CA LEU A 8 1.47 5.16 -47.25
C LEU A 8 2.51 5.35 -46.13
N ALA A 9 2.54 6.55 -45.56
CA ALA A 9 3.63 7.04 -44.71
C ALA A 9 3.82 6.35 -43.35
N LYS A 10 4.99 5.73 -43.18
CA LYS A 10 5.42 5.13 -41.91
C LYS A 10 5.82 6.22 -40.90
N ASP A 11 6.01 5.82 -39.63
CA ASP A 11 6.58 6.72 -38.64
C ASP A 11 7.98 6.27 -38.21
N ALA A 12 8.56 6.96 -37.22
CA ALA A 12 9.93 6.73 -36.81
C ALA A 12 10.09 5.47 -35.97
N TRP A 13 9.04 4.65 -35.91
CA TRP A 13 9.13 3.37 -35.22
C TRP A 13 9.52 2.32 -36.24
N GLU A 14 9.20 2.61 -37.50
CA GLU A 14 9.46 1.67 -38.60
C GLU A 14 10.95 1.37 -38.74
N ILE A 15 11.26 0.10 -39.02
CA ILE A 15 12.64 -0.35 -39.30
C ILE A 15 12.64 -1.32 -40.49
N PRO A 16 13.84 -1.56 -41.07
CA PRO A 16 13.95 -2.43 -42.25
C PRO A 16 13.46 -3.86 -41.99
N ARG A 17 12.49 -4.29 -42.79
CA ARG A 17 11.95 -5.66 -42.81
C ARG A 17 12.95 -6.71 -42.28
N GLU A 18 14.17 -6.67 -42.78
CA GLU A 18 15.18 -7.65 -42.46
C GLU A 18 16.41 -7.02 -41.82
N SER A 19 16.20 -6.19 -40.81
CA SER A 19 17.30 -5.74 -39.96
C SER A 19 17.31 -6.58 -38.68
N LEU A 20 16.48 -7.63 -38.70
CA LEU A 20 16.24 -8.54 -37.58
C LEU A 20 16.63 -10.00 -37.91
N ARG A 21 17.36 -10.63 -37.00
CA ARG A 21 17.68 -12.06 -37.10
C ARG A 21 16.84 -12.93 -36.13
N LEU A 22 15.76 -13.53 -36.66
CA LEU A 22 14.99 -14.56 -35.96
C LEU A 22 15.81 -15.83 -35.70
N GLU A 23 15.77 -16.31 -34.46
CA GLU A 23 16.49 -17.53 -34.08
C GLU A 23 15.55 -18.59 -33.47
N VAL A 24 15.49 -18.65 -32.14
CA VAL A 24 14.59 -19.58 -31.43
C VAL A 24 13.12 -19.18 -31.60
N LYS A 25 12.27 -20.16 -31.85
CA LYS A 25 10.82 -19.98 -31.82
C LYS A 25 10.38 -20.24 -30.38
N LEU A 26 9.41 -19.47 -29.90
CA LEU A 26 9.01 -19.55 -28.50
C LEU A 26 7.50 -19.76 -28.31
N GLY A 27 6.72 -19.56 -29.37
CA GLY A 27 5.27 -19.73 -29.33
C GLY A 27 4.65 -19.95 -30.70
N GLN A 28 3.33 -20.12 -30.74
CA GLN A 28 2.56 -20.26 -31.99
C GLN A 28 1.05 -20.08 -31.77
N GLY A 32 -0.52 -15.38 -35.31
CA GLY A 32 -0.02 -15.44 -33.94
C GLY A 32 1.20 -16.35 -33.76
N GLU A 33 2.39 -15.75 -33.69
CA GLU A 33 3.65 -16.47 -33.44
C GLU A 33 4.69 -15.54 -32.78
N VAL A 34 5.56 -16.08 -31.91
CA VAL A 34 6.52 -15.25 -31.15
C VAL A 34 7.93 -15.83 -31.10
N TRP A 35 8.91 -15.06 -31.59
CA TRP A 35 10.32 -15.53 -31.66
C TRP A 35 11.29 -14.68 -30.85
N MET A 36 12.32 -15.32 -30.32
CA MET A 36 13.52 -14.61 -29.87
C MET A 36 14.39 -14.28 -31.09
N GLY A 37 15.15 -13.19 -31.02
CA GLY A 37 15.98 -12.74 -32.13
C GLY A 37 17.13 -11.80 -31.78
N THR A 38 17.76 -11.21 -32.81
CA THR A 38 18.80 -10.21 -32.62
C THR A 38 18.64 -9.03 -33.60
N TRP A 39 18.61 -7.83 -33.04
CA TRP A 39 18.33 -6.60 -33.79
C TRP A 39 19.61 -5.87 -34.10
N ASN A 40 19.86 -5.63 -35.40
CA ASN A 40 21.11 -5.06 -35.88
C ASN A 40 22.31 -5.74 -35.18
N GLY A 41 22.34 -7.07 -35.23
CA GLY A 41 23.42 -7.90 -34.67
C GLY A 41 23.99 -7.64 -33.28
N THR A 42 23.42 -6.68 -32.54
CA THR A 42 24.01 -6.26 -31.26
C THR A 42 23.14 -6.52 -30.04
N THR A 43 21.82 -6.46 -30.22
CA THR A 43 20.89 -6.51 -29.08
C THR A 43 19.81 -7.56 -29.22
N ARG A 44 19.50 -8.21 -28.10
CA ARG A 44 18.52 -9.29 -28.05
C ARG A 44 17.11 -8.75 -27.93
N VAL A 45 16.22 -9.27 -28.77
CA VAL A 45 14.82 -8.86 -28.73
C VAL A 45 13.84 -10.04 -28.82
N ALA A 46 12.55 -9.72 -28.66
CA ALA A 46 11.43 -10.60 -28.88
C ALA A 46 10.69 -10.04 -30.07
N ILE A 47 10.11 -10.92 -30.88
CA ILE A 47 9.47 -10.51 -32.14
C ILE A 47 8.14 -11.24 -32.33
N LYS A 48 7.05 -10.55 -32.05
CA LYS A 48 5.71 -11.10 -32.22
C LYS A 48 5.23 -10.84 -33.64
N THR A 49 4.87 -11.91 -34.34
CA THR A 49 4.47 -11.86 -35.74
C THR A 49 2.97 -12.10 -35.85
N LEU A 50 2.30 -11.36 -36.74
CA LEU A 50 0.86 -11.49 -36.93
C LEU A 50 0.50 -12.31 -38.17
N LYS A 51 -0.70 -12.93 -38.16
CA LYS A 51 -1.27 -13.58 -39.34
C LYS A 51 -2.44 -12.73 -39.86
N PRO A 52 -2.50 -12.47 -41.18
CA PRO A 52 -3.46 -11.55 -41.82
C PRO A 52 -4.73 -11.24 -41.02
N LEU A 61 -0.21 -4.89 -36.32
CA LEU A 61 0.08 -3.51 -35.99
C LEU A 61 -0.36 -2.54 -37.09
N GLN A 62 -1.65 -2.23 -37.07
CA GLN A 62 -2.21 -1.14 -37.86
C GLN A 62 -2.50 -0.01 -36.87
N GLU A 63 -3.15 -0.37 -35.78
CA GLU A 63 -3.44 0.55 -34.68
C GLU A 63 -2.69 0.15 -33.41
N ALA A 64 -1.37 0.27 -33.45
CA ALA A 64 -0.52 0.08 -32.27
C ALA A 64 -0.19 1.44 -31.65
N GLN A 65 -0.97 2.45 -32.03
CA GLN A 65 -0.86 3.80 -31.47
C GLN A 65 -1.05 3.76 -29.96
N VAL A 66 -1.19 2.55 -29.43
CA VAL A 66 -1.33 2.29 -28.00
C VAL A 66 0.03 1.91 -27.39
N MET A 67 0.72 0.95 -27.99
CA MET A 67 2.01 0.53 -27.46
C MET A 67 3.08 1.59 -27.72
N LYS A 68 2.85 2.46 -28.70
CA LYS A 68 3.76 3.56 -29.04
C LYS A 68 3.72 4.71 -28.04
N LYS A 69 2.56 4.98 -27.48
CA LYS A 69 2.44 6.12 -26.60
C LYS A 69 2.78 5.81 -25.15
N LEU A 70 2.87 4.52 -24.81
CA LEU A 70 3.17 4.15 -23.43
C LEU A 70 4.64 3.79 -23.25
N ARG A 71 5.26 4.37 -22.23
CA ARG A 71 6.64 4.06 -21.86
C ARG A 71 6.75 4.17 -20.35
N HIS A 72 7.11 3.06 -19.72
CA HIS A 72 7.22 2.93 -18.26
C HIS A 72 8.05 1.70 -17.96
N GLU A 73 8.69 1.68 -16.79
CA GLU A 73 9.64 0.60 -16.48
C GLU A 73 8.97 -0.77 -16.19
N LYS A 74 7.66 -0.76 -15.94
CA LYS A 74 6.89 -1.98 -15.72
C LYS A 74 5.95 -2.35 -16.88
N LEU A 75 6.16 -1.74 -18.05
CA LEU A 75 5.52 -2.17 -19.27
C LEU A 75 6.60 -2.65 -20.22
N VAL A 76 6.39 -3.79 -20.87
CA VAL A 76 7.35 -4.31 -21.82
C VAL A 76 7.53 -3.24 -22.89
N GLN A 77 8.77 -2.81 -23.09
CA GLN A 77 9.05 -1.68 -24.00
C GLN A 77 8.97 -2.06 -25.49
N LEU A 78 8.18 -1.29 -26.24
CA LEU A 78 8.23 -1.37 -27.70
C LEU A 78 9.59 -0.86 -28.21
N TYR A 79 10.22 -1.63 -29.09
CA TYR A 79 11.41 -1.19 -29.79
C TYR A 79 11.11 -0.70 -31.20
N ALA A 80 10.34 -1.46 -31.98
CA ALA A 80 10.10 -1.16 -33.38
C ALA A 80 8.91 -1.93 -33.97
N VAL A 81 8.44 -1.48 -35.13
CA VAL A 81 7.44 -2.23 -35.91
C VAL A 81 7.86 -2.44 -37.37
N VAL A 82 7.14 -3.31 -38.08
CA VAL A 82 7.24 -3.49 -39.53
C VAL A 82 5.80 -3.50 -40.08
N SER A 83 5.44 -2.51 -40.89
CA SER A 83 4.04 -2.32 -41.31
C SER A 83 3.69 -2.87 -42.70
N GLU A 84 3.98 -4.16 -42.90
CA GLU A 84 3.61 -4.88 -44.11
C GLU A 84 3.49 -6.36 -43.77
N GLU A 85 2.53 -7.06 -44.37
CA GLU A 85 2.32 -8.50 -44.11
C GLU A 85 3.52 -9.34 -44.57
N PRO A 86 4.15 -10.12 -43.65
CA PRO A 86 3.85 -10.34 -42.22
C PRO A 86 4.33 -9.22 -41.29
N ILE A 87 3.38 -8.64 -40.56
CA ILE A 87 3.62 -7.52 -39.64
C ILE A 87 4.42 -7.97 -38.40
N TYR A 88 5.52 -7.28 -38.12
CA TYR A 88 6.37 -7.57 -36.96
C TYR A 88 6.22 -6.54 -35.84
N ILE A 89 6.32 -7.01 -34.60
CA ILE A 89 6.40 -6.11 -33.46
C ILE A 89 7.60 -6.57 -32.64
N VAL A 90 8.58 -5.69 -32.51
CA VAL A 90 9.79 -5.98 -31.76
C VAL A 90 9.74 -5.27 -30.41
N THR A 91 10.19 -5.93 -29.36
CA THR A 91 10.09 -5.41 -28.00
C THR A 91 11.27 -5.93 -27.22
N GLU A 92 11.47 -5.47 -25.98
CA GLU A 92 12.50 -6.03 -25.10
C GLU A 92 12.23 -7.49 -24.82
N TYR A 93 13.29 -8.27 -24.57
CA TYR A 93 13.17 -9.70 -24.34
C TYR A 93 12.98 -9.98 -22.85
N MET A 94 11.92 -10.69 -22.49
CA MET A 94 11.74 -11.04 -21.08
C MET A 94 12.14 -12.49 -20.85
N SER A 95 13.24 -12.66 -20.12
CA SER A 95 13.96 -13.93 -20.15
C SER A 95 13.21 -15.12 -19.51
N LYS A 96 12.20 -14.83 -18.70
CA LYS A 96 11.43 -15.88 -17.99
C LYS A 96 10.08 -16.20 -18.62
N GLY A 97 9.67 -15.44 -19.63
CA GLY A 97 8.37 -15.66 -20.25
C GLY A 97 7.27 -15.27 -19.30
N SER A 98 6.07 -15.83 -19.51
CA SER A 98 4.86 -15.37 -18.87
C SER A 98 4.83 -15.66 -17.37
N LEU A 99 4.23 -14.76 -16.63
CA LEU A 99 3.99 -14.98 -15.20
C LEU A 99 3.25 -16.30 -14.93
N LEU A 100 2.28 -16.63 -15.77
CA LEU A 100 1.57 -17.89 -15.66
C LEU A 100 2.51 -19.10 -15.68
N ASP A 101 3.34 -19.20 -16.71
CA ASP A 101 4.32 -20.30 -16.83
C ASP A 101 5.31 -20.34 -15.65
N PHE A 102 5.67 -19.15 -15.17
CA PHE A 102 6.66 -19.03 -14.12
C PHE A 102 6.14 -19.56 -12.82
N LEU A 103 4.90 -19.18 -12.50
CA LEU A 103 4.25 -19.60 -11.27
C LEU A 103 3.89 -21.10 -11.30
N LYS A 104 3.65 -21.65 -12.49
CA LYS A 104 3.25 -23.07 -12.64
C LYS A 104 4.46 -23.99 -12.79
N GLY A 105 5.62 -23.41 -13.08
CA GLY A 105 6.86 -24.15 -13.28
C GLY A 105 7.57 -24.45 -11.96
N GLU A 106 8.86 -24.80 -12.05
CA GLU A 106 9.72 -25.13 -10.90
C GLU A 106 9.80 -24.07 -9.81
N MET A 107 9.51 -22.81 -10.15
CA MET A 107 9.66 -21.72 -9.18
C MET A 107 8.47 -21.54 -8.24
N GLY A 108 7.31 -21.99 -8.69
CA GLY A 108 6.08 -21.83 -7.96
C GLY A 108 6.11 -22.31 -6.52
N LYS A 109 6.84 -23.41 -6.28
CA LYS A 109 6.90 -23.98 -4.94
C LYS A 109 7.80 -23.20 -3.96
N TYR A 110 8.71 -22.39 -4.48
CA TYR A 110 9.59 -21.63 -3.58
C TYR A 110 9.10 -20.19 -3.31
N LEU A 111 8.25 -19.65 -4.17
CA LEU A 111 7.67 -18.30 -3.99
C LEU A 111 6.84 -18.25 -2.72
N ARG A 112 7.08 -17.27 -1.87
CA ARG A 112 6.23 -17.10 -0.71
C ARG A 112 5.56 -15.71 -0.87
N LEU A 113 4.81 -15.30 0.14
CA LEU A 113 4.04 -14.06 0.06
C LEU A 113 4.86 -12.81 -0.26
N PRO A 114 6.04 -12.62 0.39
CA PRO A 114 6.83 -11.43 0.04
C PRO A 114 7.15 -11.33 -1.44
N GLN A 115 7.59 -12.41 -2.07
CA GLN A 115 7.89 -12.34 -3.52
C GLN A 115 6.59 -12.13 -4.38
N LEU A 116 5.50 -12.75 -3.98
CA LEU A 116 4.26 -12.64 -4.77
C LEU A 116 3.63 -11.24 -4.65
N VAL A 117 3.77 -10.61 -3.49
CA VAL A 117 3.21 -9.31 -3.24
C VAL A 117 4.06 -8.27 -3.92
N ASP A 118 5.35 -8.47 -3.83
CA ASP A 118 6.27 -7.67 -4.61
C ASP A 118 5.95 -7.67 -6.11
N MET A 119 5.70 -8.85 -6.68
CA MET A 119 5.30 -8.95 -8.10
C MET A 119 3.98 -8.21 -8.40
N ALA A 120 3.02 -8.34 -7.49
CA ALA A 120 1.75 -7.68 -7.57
C ALA A 120 1.96 -6.16 -7.60
N ALA A 121 2.86 -5.67 -6.72
CA ALA A 121 3.23 -4.26 -6.63
C ALA A 121 3.81 -3.71 -7.95
N GLN A 122 4.68 -4.48 -8.59
CA GLN A 122 5.22 -4.08 -9.87
C GLN A 122 4.13 -3.92 -10.92
N ILE A 123 3.17 -4.85 -10.90
CA ILE A 123 2.10 -4.85 -11.88
C ILE A 123 1.17 -3.67 -11.66
N ALA A 124 0.87 -3.40 -10.38
CA ALA A 124 0.10 -2.23 -10.03
C ALA A 124 0.83 -0.95 -10.44
N SER A 125 2.15 -0.98 -10.45
CA SER A 125 2.93 0.18 -10.83
C SER A 125 2.83 0.46 -12.33
N GLY A 126 2.99 -0.57 -13.15
CA GLY A 126 2.65 -0.44 -14.58
C GLY A 126 1.20 0.00 -14.83
N MET A 127 0.25 -0.53 -14.07
CA MET A 127 -1.16 -0.21 -14.31
C MET A 127 -1.53 1.20 -13.79
N ALA A 128 -0.84 1.68 -12.77
CA ALA A 128 -1.06 3.04 -12.27
C ALA A 128 -0.59 4.07 -13.28
N TYR A 129 0.45 3.73 -14.03
CA TYR A 129 0.89 4.52 -15.17
C TYR A 129 -0.22 4.53 -16.25
N VAL A 130 -0.64 3.34 -16.69
CA VAL A 130 -1.79 3.18 -17.59
C VAL A 130 -3.02 3.99 -17.13
N GLU A 131 -3.29 3.99 -15.83
CA GLU A 131 -4.38 4.77 -15.24
C GLU A 131 -4.19 6.28 -15.45
N ARG A 132 -2.96 6.80 -15.24
CA ARG A 132 -2.65 8.23 -15.43
C ARG A 132 -2.84 8.70 -16.87
N MET A 133 -2.29 7.92 -17.81
CA MET A 133 -2.41 8.19 -19.23
C MET A 133 -3.82 8.03 -19.82
N ASN A 134 -4.80 7.68 -18.97
CA ASN A 134 -6.18 7.45 -19.41
C ASN A 134 -6.38 6.33 -20.43
N TYR A 135 -5.55 5.30 -20.32
CA TYR A 135 -5.72 4.13 -21.16
C TYR A 135 -6.37 3.01 -20.37
N VAL A 136 -6.68 1.92 -21.05
CA VAL A 136 -7.41 0.77 -20.52
C VAL A 136 -6.75 -0.48 -21.11
N HIS A 137 -6.41 -1.47 -20.29
CA HIS A 137 -5.69 -2.64 -20.81
C HIS A 137 -6.62 -3.63 -21.47
N ARG A 138 -7.69 -4.02 -20.77
CA ARG A 138 -8.68 -4.97 -21.34
C ARG A 138 -8.37 -6.47 -21.22
N ASP A 139 -7.10 -6.86 -21.06
CA ASP A 139 -6.78 -8.29 -20.89
C ASP A 139 -5.69 -8.55 -19.86
N LEU A 140 -5.83 -7.86 -18.72
CA LEU A 140 -4.98 -8.08 -17.57
C LEU A 140 -5.25 -9.44 -16.89
N ARG A 141 -4.23 -10.30 -16.97
CA ARG A 141 -4.18 -11.64 -16.40
C ARG A 141 -2.71 -12.10 -16.45
N ALA A 142 -2.37 -13.14 -15.68
CA ALA A 142 -0.98 -13.54 -15.48
C ALA A 142 -0.31 -14.00 -16.77
N ALA A 143 -1.11 -14.48 -17.74
CA ALA A 143 -0.61 -14.92 -19.05
C ALA A 143 -0.18 -13.74 -19.89
N ASN A 144 -0.51 -12.54 -19.42
CA ASN A 144 -0.12 -11.32 -20.08
C ASN A 144 0.84 -10.49 -19.24
N ILE A 145 1.40 -11.05 -18.16
CA ILE A 145 2.49 -10.40 -17.46
C ILE A 145 3.74 -11.17 -17.83
N LEU A 146 4.84 -10.46 -18.09
CA LEU A 146 6.08 -11.13 -18.46
C LEU A 146 7.11 -10.94 -17.36
N VAL A 147 7.98 -11.93 -17.19
CA VAL A 147 8.94 -11.97 -16.08
C VAL A 147 10.35 -12.00 -16.64
N GLY A 148 11.24 -11.25 -15.98
CA GLY A 148 12.65 -11.20 -16.32
C GLY A 148 13.43 -11.66 -15.12
N GLU A 149 14.73 -11.42 -15.14
CA GLU A 149 15.56 -11.81 -14.01
C GLU A 149 15.21 -10.99 -12.78
N ASN A 150 15.61 -11.48 -11.62
CA ASN A 150 15.45 -10.72 -10.38
C ASN A 150 13.96 -10.39 -10.03
N LEU A 151 13.05 -11.24 -10.53
CA LEU A 151 11.60 -11.17 -10.29
C LEU A 151 10.98 -9.88 -10.83
N VAL A 152 11.54 -9.38 -11.90
CA VAL A 152 10.97 -8.24 -12.56
C VAL A 152 9.77 -8.72 -13.35
N CYS A 153 8.62 -8.11 -13.10
CA CYS A 153 7.37 -8.35 -13.83
C CYS A 153 6.98 -7.10 -14.61
N LYS A 154 6.42 -7.32 -15.79
CA LYS A 154 6.09 -6.21 -16.66
C LYS A 154 4.82 -6.51 -17.42
N VAL A 155 3.89 -5.55 -17.45
CA VAL A 155 2.63 -5.73 -18.16
C VAL A 155 2.92 -5.81 -19.64
N ALA A 156 2.32 -6.79 -20.30
CA ALA A 156 2.49 -6.98 -21.73
C ALA A 156 1.13 -7.03 -22.45
N ASP A 157 1.20 -7.28 -23.76
CA ASP A 157 0.04 -7.55 -24.63
C ASP A 157 -1.14 -6.61 -24.55
N PHE A 158 -0.97 -5.44 -25.13
CA PHE A 158 -2.09 -4.52 -25.35
C PHE A 158 -2.78 -4.84 -26.69
N GLY A 159 -2.62 -6.09 -27.16
CA GLY A 159 -3.17 -6.57 -28.44
C GLY A 159 -4.70 -6.53 -28.47
N PHE A 177 -12.20 -16.69 -24.77
CA PHE A 177 -12.66 -15.50 -24.08
C PHE A 177 -12.41 -15.61 -22.56
N PRO A 178 -11.58 -14.68 -22.00
CA PRO A 178 -11.21 -14.75 -20.59
C PRO A 178 -12.29 -14.12 -19.71
N ILE A 179 -13.50 -14.65 -19.85
CA ILE A 179 -14.61 -14.18 -19.05
C ILE A 179 -14.27 -14.17 -17.56
N LYS A 180 -13.55 -15.19 -17.09
CA LYS A 180 -13.24 -15.35 -15.67
C LYS A 180 -12.44 -14.18 -15.07
N TRP A 181 -11.68 -13.50 -15.91
CA TRP A 181 -10.86 -12.38 -15.51
C TRP A 181 -11.52 -10.99 -15.74
N THR A 182 -12.72 -10.96 -16.32
CA THR A 182 -13.33 -9.73 -16.82
C THR A 182 -14.42 -9.25 -15.87
N ALA A 183 -14.47 -7.96 -15.60
CA ALA A 183 -15.53 -7.42 -14.76
C ALA A 183 -16.87 -7.65 -15.45
N PRO A 184 -17.93 -7.91 -14.67
CA PRO A 184 -19.25 -8.23 -15.20
C PRO A 184 -19.77 -7.16 -16.18
N GLU A 185 -19.65 -5.89 -15.80
CA GLU A 185 -20.15 -4.81 -16.65
C GLU A 185 -19.45 -4.82 -18.00
N ALA A 186 -18.24 -5.37 -18.04
CA ALA A 186 -17.44 -5.40 -19.28
C ALA A 186 -17.73 -6.65 -20.11
N ALA A 187 -17.93 -7.78 -19.45
CA ALA A 187 -18.32 -9.01 -20.08
C ALA A 187 -19.74 -8.92 -20.64
N LEU A 188 -20.65 -8.34 -19.87
CA LEU A 188 -22.05 -8.24 -20.25
C LEU A 188 -22.35 -7.05 -21.20
N TYR A 189 -21.79 -5.88 -20.90
CA TYR A 189 -22.17 -4.63 -21.60
C TYR A 189 -21.04 -3.88 -22.32
N GLY A 190 -19.87 -4.50 -22.47
CA GLY A 190 -18.75 -3.92 -23.21
C GLY A 190 -18.19 -2.67 -22.54
N ARG A 191 -18.55 -2.42 -21.27
CA ARG A 191 -18.00 -1.29 -20.51
C ARG A 191 -16.60 -1.57 -19.93
N PHE A 192 -15.60 -1.44 -20.77
CA PHE A 192 -14.22 -1.59 -20.34
C PHE A 192 -13.67 -0.26 -19.86
N THR A 193 -13.47 -0.13 -18.55
CA THR A 193 -12.75 1.02 -18.00
C THR A 193 -11.53 0.59 -17.18
N ILE A 194 -10.71 1.58 -16.77
CA ILE A 194 -9.61 1.30 -15.86
C ILE A 194 -10.12 0.55 -14.63
N LYS A 195 -11.39 0.75 -14.31
CA LYS A 195 -12.05 0.07 -13.20
C LYS A 195 -12.43 -1.39 -13.50
N SER A 196 -12.58 -1.74 -14.79
CA SER A 196 -12.70 -3.15 -15.10
C SER A 196 -11.32 -3.85 -15.07
N ASP A 197 -10.25 -3.11 -15.41
CA ASP A 197 -8.89 -3.58 -15.17
C ASP A 197 -8.60 -3.92 -13.70
N VAL A 198 -8.97 -3.01 -12.78
CA VAL A 198 -8.86 -3.26 -11.34
C VAL A 198 -9.49 -4.59 -10.95
N TRP A 199 -10.67 -4.87 -11.51
CA TRP A 199 -11.37 -6.12 -11.24
C TRP A 199 -10.41 -7.24 -11.62
N SER A 200 -9.82 -7.17 -12.82
CA SER A 200 -8.97 -8.22 -13.31
C SER A 200 -7.73 -8.37 -12.42
N PHE A 201 -7.21 -7.22 -12.00
CA PHE A 201 -6.06 -7.21 -11.17
C PHE A 201 -6.37 -8.03 -9.93
N GLY A 202 -7.54 -7.80 -9.34
CA GLY A 202 -8.02 -8.67 -8.23
C GLY A 202 -8.05 -10.18 -8.56
N ILE A 203 -8.47 -10.58 -9.78
CA ILE A 203 -8.42 -11.99 -10.11
C ILE A 203 -6.93 -12.39 -10.17
N LEU A 204 -6.12 -11.52 -10.78
CA LEU A 204 -4.69 -11.77 -10.90
C LEU A 204 -4.06 -12.04 -9.52
N LEU A 205 -4.53 -11.34 -8.50
CA LEU A 205 -4.09 -11.60 -7.12
C LEU A 205 -4.40 -12.99 -6.59
N THR A 206 -5.38 -13.69 -7.18
CA THR A 206 -5.70 -15.06 -6.74
C THR A 206 -4.82 -15.98 -7.53
N GLU A 207 -4.50 -15.58 -8.76
CA GLU A 207 -3.50 -16.30 -9.51
C GLU A 207 -2.17 -16.32 -8.75
N LEU A 208 -1.71 -15.18 -8.22
CA LEU A 208 -0.40 -15.19 -7.53
C LEU A 208 -0.47 -15.98 -6.22
N THR A 209 -1.51 -15.75 -5.42
CA THR A 209 -1.59 -16.44 -4.16
C THR A 209 -1.89 -17.97 -4.27
N THR A 210 -2.30 -18.46 -5.46
CA THR A 210 -2.54 -19.89 -5.63
C THR A 210 -1.44 -20.51 -6.53
N LYS A 211 -0.41 -19.73 -6.83
CA LYS A 211 0.68 -20.21 -7.70
C LYS A 211 0.16 -20.62 -9.06
N GLY A 212 -0.79 -19.87 -9.59
CA GLY A 212 -1.16 -20.03 -10.98
C GLY A 212 -2.44 -20.79 -11.25
N ARG A 213 -3.19 -21.20 -10.23
CA ARG A 213 -4.47 -21.86 -10.54
C ARG A 213 -5.46 -21.00 -11.32
N VAL A 214 -6.18 -21.63 -12.24
CA VAL A 214 -7.36 -21.00 -12.89
C VAL A 214 -8.31 -20.61 -11.79
N PRO A 215 -8.86 -19.38 -11.83
CA PRO A 215 -9.82 -18.93 -10.81
C PRO A 215 -11.18 -19.64 -10.94
N TYR A 216 -12.01 -19.52 -9.90
CA TYR A 216 -13.32 -20.19 -9.85
C TYR A 216 -13.17 -21.66 -10.14
N PRO A 217 -12.37 -22.38 -9.31
CA PRO A 217 -12.01 -23.77 -9.59
C PRO A 217 -13.25 -24.64 -9.59
N GLY A 218 -13.43 -25.41 -10.66
CA GLY A 218 -14.60 -26.25 -10.81
C GLY A 218 -15.74 -25.61 -11.61
N MET A 219 -15.72 -24.29 -11.75
CA MET A 219 -16.79 -23.60 -12.45
C MET A 219 -16.48 -23.36 -13.91
N VAL A 220 -17.48 -23.56 -14.76
CA VAL A 220 -17.38 -23.23 -16.17
C VAL A 220 -17.85 -21.78 -16.37
N ASN A 221 -17.46 -21.20 -17.50
CA ASN A 221 -17.82 -19.80 -17.80
C ASN A 221 -19.23 -19.30 -17.42
N ARG A 222 -20.25 -20.03 -17.83
CA ARG A 222 -21.64 -19.63 -17.60
C ARG A 222 -21.96 -19.58 -16.12
N GLU A 223 -21.48 -20.57 -15.38
CA GLU A 223 -21.72 -20.68 -13.95
C GLU A 223 -20.99 -19.54 -13.19
N VAL A 224 -19.82 -19.13 -13.71
CA VAL A 224 -19.13 -17.96 -13.15
C VAL A 224 -19.99 -16.70 -13.30
N LEU A 225 -20.41 -16.44 -14.54
CA LEU A 225 -21.21 -15.26 -14.86
C LEU A 225 -22.49 -15.21 -14.03
N ASP A 226 -23.20 -16.33 -13.95
CA ASP A 226 -24.44 -16.37 -13.14
C ASP A 226 -24.16 -16.19 -11.66
N GLN A 227 -23.20 -16.96 -11.13
CA GLN A 227 -22.83 -16.85 -9.73
C GLN A 227 -22.29 -15.48 -9.34
N VAL A 228 -21.53 -14.86 -10.23
CA VAL A 228 -20.91 -13.59 -9.89
C VAL A 228 -21.90 -12.43 -9.92
N GLU A 229 -22.87 -12.50 -10.84
CA GLU A 229 -24.04 -11.59 -10.85
C GLU A 229 -24.95 -11.75 -9.61
N ARG A 230 -25.11 -12.97 -9.11
CA ARG A 230 -25.86 -13.17 -7.87
C ARG A 230 -25.04 -12.83 -6.64
N GLY A 231 -23.78 -12.40 -6.83
CA GLY A 231 -22.95 -11.98 -5.68
C GLY A 231 -21.86 -12.93 -5.16
N TYR A 232 -21.69 -14.09 -5.79
CA TYR A 232 -20.55 -14.94 -5.44
C TYR A 232 -19.21 -14.22 -5.64
N ARG A 233 -18.28 -14.45 -4.72
CA ARG A 233 -16.89 -14.02 -4.85
C ARG A 233 -16.01 -15.17 -4.36
N MET A 234 -14.87 -15.37 -5.02
CA MET A 234 -13.93 -16.40 -4.56
C MET A 234 -13.58 -16.11 -3.10
N PRO A 235 -13.57 -17.17 -2.28
CA PRO A 235 -13.24 -17.07 -0.86
C PRO A 235 -11.74 -16.88 -0.69
N CYS A 236 -11.29 -16.65 0.55
CA CYS A 236 -9.88 -16.53 0.86
C CYS A 236 -9.12 -17.83 0.53
N PRO A 237 -8.15 -17.76 -0.41
CA PRO A 237 -7.23 -18.86 -0.79
C PRO A 237 -6.46 -19.37 0.43
N PRO A 238 -6.21 -20.69 0.53
CA PRO A 238 -5.49 -21.27 1.70
C PRO A 238 -4.20 -20.50 2.11
N GLU A 239 -4.08 -20.19 3.40
CA GLU A 239 -2.91 -19.47 3.91
C GLU A 239 -2.76 -18.02 3.45
N CYS A 240 -3.58 -17.55 2.51
CA CYS A 240 -3.65 -16.11 2.21
C CYS A 240 -4.23 -15.33 3.41
N PRO A 241 -3.54 -14.28 3.87
CA PRO A 241 -4.07 -13.48 4.97
C PRO A 241 -5.36 -12.75 4.55
N GLU A 242 -6.27 -12.57 5.50
CA GLU A 242 -7.55 -11.89 5.31
C GLU A 242 -7.40 -10.50 4.69
N SER A 243 -6.42 -9.74 5.17
CA SER A 243 -6.18 -8.38 4.69
C SER A 243 -5.92 -8.31 3.17
N LEU A 244 -5.31 -9.34 2.61
CA LEU A 244 -5.11 -9.39 1.17
C LEU A 244 -6.40 -9.87 0.47
N HIS A 245 -7.20 -10.68 1.17
CA HIS A 245 -8.43 -11.11 0.56
C HIS A 245 -9.42 -9.96 0.52
N ASP A 246 -9.42 -9.12 1.57
CA ASP A 246 -10.22 -7.91 1.59
C ASP A 246 -9.87 -7.03 0.39
N LEU A 247 -8.58 -6.96 0.06
CA LEU A 247 -8.14 -6.18 -1.09
C LEU A 247 -8.73 -6.74 -2.38
N MET A 248 -8.77 -8.06 -2.49
CA MET A 248 -9.40 -8.70 -3.61
C MET A 248 -10.86 -8.28 -3.68
N CYS A 249 -11.54 -8.39 -2.54
CA CYS A 249 -12.94 -8.04 -2.44
C CYS A 249 -13.28 -6.60 -2.84
N GLN A 250 -12.46 -5.66 -2.44
CA GLN A 250 -12.61 -4.28 -2.88
C GLN A 250 -12.47 -4.14 -4.42
N CYS A 251 -11.58 -4.91 -5.04
CA CYS A 251 -11.38 -4.83 -6.48
C CYS A 251 -12.58 -5.47 -7.21
N TRP A 252 -13.30 -6.33 -6.47
CA TRP A 252 -14.48 -7.00 -6.99
C TRP A 252 -15.84 -6.39 -6.58
N ARG A 253 -15.83 -5.17 -6.06
CA ARG A 253 -17.09 -4.41 -5.84
C ARG A 253 -17.95 -4.30 -7.10
N LYS A 254 -19.28 -4.41 -6.92
CA LYS A 254 -20.23 -4.33 -8.05
C LYS A 254 -20.19 -2.98 -8.74
N ASP A 255 -20.17 -1.90 -7.94
CA ASP A 255 -20.13 -0.53 -8.48
C ASP A 255 -18.67 -0.17 -8.76
N PRO A 256 -18.31 -0.14 -10.05
CA PRO A 256 -16.92 0.03 -10.48
C PRO A 256 -16.27 1.27 -9.89
N GLU A 257 -17.08 2.22 -9.44
CA GLU A 257 -16.62 3.50 -8.91
C GLU A 257 -16.08 3.34 -7.48
N GLU A 258 -16.50 2.28 -6.82
CA GLU A 258 -16.09 1.99 -5.47
C GLU A 258 -14.88 1.04 -5.42
N ARG A 259 -14.44 0.61 -6.59
CA ARG A 259 -13.21 -0.16 -6.76
C ARG A 259 -12.01 0.77 -6.55
N PRO A 260 -10.92 0.26 -5.93
CA PRO A 260 -9.75 1.10 -5.70
C PRO A 260 -9.06 1.52 -7.00
N THR A 261 -8.24 2.55 -6.92
CA THR A 261 -7.37 2.93 -8.01
C THR A 261 -6.09 2.08 -7.96
N PHE A 262 -5.38 2.02 -9.09
CA PHE A 262 -4.13 1.29 -9.14
C PHE A 262 -3.06 1.97 -8.25
N GLU A 263 -3.09 3.30 -8.20
CA GLU A 263 -2.26 4.12 -7.30
C GLU A 263 -2.47 3.72 -5.85
N TYR A 264 -3.72 3.56 -5.46
CA TYR A 264 -3.96 3.00 -4.15
C TYR A 264 -3.41 1.55 -4.06
N LEU A 265 -3.65 0.72 -5.07
CA LEU A 265 -3.15 -0.68 -5.07
C LEU A 265 -1.62 -0.76 -4.97
N GLN A 266 -0.91 0.06 -5.74
CA GLN A 266 0.53 0.05 -5.73
C GLN A 266 1.07 0.38 -4.33
N ALA A 267 0.54 1.46 -3.76
CA ALA A 267 0.95 1.93 -2.45
C ALA A 267 0.65 0.88 -1.36
N PHE A 268 -0.55 0.31 -1.40
CA PHE A 268 -0.90 -0.75 -0.44
C PHE A 268 0.10 -1.93 -0.49
N LEU A 269 0.46 -2.37 -1.69
CA LEU A 269 1.25 -3.58 -1.90
C LEU A 269 2.71 -3.37 -1.51
N GLU A 270 3.25 -2.23 -1.91
CA GLU A 270 4.60 -1.79 -1.50
C GLU A 270 4.82 -1.77 -0.01
N ASP A 271 3.82 -1.30 0.75
CA ASP A 271 3.97 -1.04 2.18
C ASP A 271 3.43 -2.18 3.03
N TYR A 272 3.00 -3.23 2.35
CA TYR A 272 2.18 -4.27 2.95
C TYR A 272 2.75 -4.88 4.22
N PHE A 273 4.02 -5.29 4.16
CA PHE A 273 4.65 -5.92 5.33
C PHE A 273 5.10 -4.99 6.43
N THR A 274 4.88 -3.69 6.26
CA THR A 274 5.08 -2.80 7.40
C THR A 274 3.73 -2.31 7.92
N SER A 275 2.89 -1.86 6.99
CA SER A 275 1.67 -1.12 7.34
C SER A 275 0.46 -1.98 7.64
N THR A 276 0.41 -3.17 7.04
CA THR A 276 -0.79 -4.02 7.00
C THR A 276 -0.57 -5.36 7.71
N GLU A 277 0.48 -6.10 7.31
CA GLU A 277 0.81 -7.38 7.96
C GLU A 277 2.20 -7.34 8.62
N PRO A 278 2.36 -6.55 9.70
CA PRO A 278 3.74 -6.45 10.23
C PRO A 278 4.22 -7.74 10.92
N GLN A 279 3.29 -8.61 11.33
CA GLN A 279 3.60 -9.87 12.02
C GLN A 279 3.58 -11.10 11.10
N TYR A 280 3.68 -10.89 9.80
CA TYR A 280 3.65 -11.98 8.85
C TYR A 280 4.68 -13.07 9.16
N GLN A 281 4.19 -14.31 9.19
CA GLN A 281 5.03 -15.49 9.38
C GLN A 281 4.98 -16.39 8.14
N PRO A 282 6.15 -16.79 7.61
CA PRO A 282 6.00 -17.70 6.46
C PRO A 282 5.34 -18.98 6.94
N GLY A 283 4.55 -19.60 6.05
CA GLY A 283 3.85 -20.85 6.36
C GLY A 283 4.26 -21.88 5.34
N GLU A 284 3.45 -22.92 5.22
CA GLU A 284 3.73 -24.07 4.34
C GLU A 284 3.95 -23.69 2.89
N ASN A 285 3.00 -22.95 2.32
CA ASN A 285 3.02 -22.60 0.91
C ASN A 285 3.14 -21.09 0.59
N LEU A 286 2.77 -20.24 1.55
CA LEU A 286 2.84 -18.78 1.36
C LEU A 286 3.41 -18.07 2.59
N ASP B 11 -8.94 -2.38 43.54
CA ASP B 11 -8.80 -1.00 42.98
C ASP B 11 -10.03 -0.59 42.18
N ALA B 12 -10.58 0.60 42.50
CA ALA B 12 -11.85 1.07 41.94
C ALA B 12 -11.91 1.25 40.42
N TRP B 13 -10.81 0.91 39.74
CA TRP B 13 -10.79 0.74 38.28
C TRP B 13 -11.45 -0.58 37.86
N GLU B 14 -11.67 -1.47 38.83
CA GLU B 14 -12.24 -2.79 38.59
C GLU B 14 -13.72 -2.75 38.28
N ILE B 15 -14.14 -3.63 37.38
CA ILE B 15 -15.55 -3.76 37.00
C ILE B 15 -15.96 -5.24 36.89
N PRO B 16 -17.27 -5.52 37.07
CA PRO B 16 -17.75 -6.88 36.87
C PRO B 16 -17.63 -7.33 35.40
N ARG B 17 -17.22 -8.59 35.20
CA ARG B 17 -17.09 -9.18 33.89
C ARG B 17 -18.40 -9.26 33.09
N GLU B 18 -19.54 -8.99 33.74
CA GLU B 18 -20.86 -9.05 33.08
C GLU B 18 -21.25 -7.69 32.54
N SER B 19 -20.58 -6.65 33.03
CA SER B 19 -20.82 -5.30 32.54
C SER B 19 -20.39 -5.08 31.08
N LEU B 20 -19.51 -5.97 30.58
CA LEU B 20 -18.92 -5.84 29.24
C LEU B 20 -19.50 -6.77 28.19
N ARG B 21 -20.00 -6.22 27.10
CA ARG B 21 -20.39 -7.03 25.93
C ARG B 21 -19.46 -6.76 24.74
N LEU B 22 -18.79 -7.81 24.27
CA LEU B 22 -17.79 -7.70 23.22
C LEU B 22 -18.41 -7.97 21.86
N GLU B 23 -18.91 -6.92 21.23
CA GLU B 23 -19.75 -7.06 20.03
C GLU B 23 -19.03 -7.38 18.71
N VAL B 24 -17.98 -6.62 18.40
CA VAL B 24 -17.29 -6.72 17.12
C VAL B 24 -15.78 -6.86 17.38
N LYS B 25 -15.15 -7.85 16.74
CA LYS B 25 -13.69 -8.01 16.84
C LYS B 25 -13.00 -7.00 15.92
N LEU B 26 -11.86 -6.46 16.36
CA LEU B 26 -11.13 -5.47 15.57
C LEU B 26 -9.70 -5.90 15.18
N GLY B 27 -9.13 -6.86 15.88
CA GLY B 27 -7.82 -7.36 15.47
C GLY B 27 -7.13 -8.28 16.44
N GLN B 28 -6.38 -9.24 15.90
CA GLN B 28 -5.53 -10.14 16.68
C GLN B 28 -4.18 -9.48 17.01
N GLY B 29 -3.31 -10.22 17.68
CA GLY B 29 -1.99 -9.74 18.09
C GLY B 29 -1.33 -10.75 19.02
N CYS B 30 -0.02 -10.93 18.90
CA CYS B 30 0.72 -11.94 19.67
C CYS B 30 0.57 -11.78 21.21
N PHE B 31 -0.06 -10.68 21.61
CA PHE B 31 -0.36 -10.38 23.02
C PHE B 31 -1.83 -10.69 23.38
N GLY B 32 -2.74 -10.46 22.44
CA GLY B 32 -4.17 -10.71 22.66
C GLY B 32 -5.09 -10.19 21.57
N GLU B 33 -6.28 -9.75 21.96
CA GLU B 33 -7.29 -9.27 21.01
C GLU B 33 -7.82 -7.86 21.30
N VAL B 34 -8.48 -7.26 20.31
CA VAL B 34 -9.12 -5.95 20.46
C VAL B 34 -10.55 -5.99 19.93
N TRP B 35 -11.51 -5.50 20.72
CA TRP B 35 -12.93 -5.54 20.35
C TRP B 35 -13.59 -4.19 20.56
N MET B 36 -14.62 -3.91 19.77
CA MET B 36 -15.57 -2.85 20.08
C MET B 36 -16.65 -3.49 20.93
N GLY B 37 -17.13 -2.77 21.94
CA GLY B 37 -18.15 -3.31 22.82
C GLY B 37 -18.98 -2.29 23.57
N THR B 38 -19.71 -2.76 24.57
CA THR B 38 -20.53 -1.90 25.43
C THR B 38 -20.16 -2.17 26.87
N TRP B 39 -20.22 -1.13 27.70
CA TRP B 39 -19.95 -1.19 29.12
C TRP B 39 -21.23 -0.73 29.79
N ASN B 40 -21.63 -1.40 30.87
CA ASN B 40 -22.86 -1.11 31.63
C ASN B 40 -24.15 -0.91 30.80
N GLY B 41 -24.24 -1.57 29.64
CA GLY B 41 -25.42 -1.45 28.79
C GLY B 41 -25.52 -0.17 27.95
N THR B 42 -25.08 0.95 28.51
CA THR B 42 -25.11 2.25 27.80
C THR B 42 -23.84 2.62 26.97
N THR B 43 -22.68 2.57 27.62
CA THR B 43 -21.43 3.14 27.11
C THR B 43 -20.69 2.32 26.04
N ARG B 44 -20.56 2.88 24.83
CA ARG B 44 -19.72 2.31 23.78
C ARG B 44 -18.28 2.37 24.23
N VAL B 45 -17.50 1.32 23.96
CA VAL B 45 -16.15 1.21 24.51
C VAL B 45 -15.24 0.35 23.66
N ALA B 46 -13.94 0.46 23.95
CA ALA B 46 -12.95 -0.39 23.33
C ALA B 46 -12.41 -1.35 24.37
N ILE B 47 -12.25 -2.62 24.00
CA ILE B 47 -11.82 -3.65 24.94
C ILE B 47 -10.61 -4.41 24.41
N LYS B 48 -9.53 -4.39 25.20
CA LYS B 48 -8.29 -5.09 24.86
C LYS B 48 -8.09 -6.31 25.75
N THR B 49 -7.86 -7.44 25.10
CA THR B 49 -7.74 -8.76 25.72
C THR B 49 -6.29 -9.14 25.99
N LEU B 50 -5.99 -9.47 27.24
CA LEU B 50 -4.63 -9.76 27.71
C LEU B 50 -3.69 -8.55 27.53
N GLN B 65 -0.70 0.23 33.84
CA GLN B 65 -0.34 0.81 35.13
C GLN B 65 -0.37 2.33 35.03
N VAL B 66 0.42 2.85 34.08
CA VAL B 66 0.56 4.29 33.84
C VAL B 66 -0.74 4.94 33.34
N MET B 67 -1.48 4.23 32.48
CA MET B 67 -2.75 4.72 31.95
C MET B 67 -3.70 5.19 33.05
N LYS B 68 -3.52 4.67 34.26
CA LYS B 68 -4.32 5.09 35.40
C LYS B 68 -3.92 6.50 35.89
N LYS B 69 -2.63 6.84 35.76
CA LYS B 69 -2.11 8.15 36.17
C LYS B 69 -2.44 9.31 35.21
N LEU B 70 -2.04 9.17 33.94
CA LEU B 70 -2.20 10.23 32.92
C LEU B 70 -3.67 10.47 32.53
N ARG B 71 -4.06 11.74 32.40
CA ARG B 71 -5.41 12.14 32.02
C ARG B 71 -5.34 13.44 31.19
N HIS B 72 -5.69 13.34 29.90
CA HIS B 72 -5.59 14.47 28.98
C HIS B 72 -6.50 14.28 27.77
N GLU B 73 -7.14 15.37 27.36
CA GLU B 73 -8.04 15.42 26.23
C GLU B 73 -7.55 14.66 24.97
N LYS B 74 -6.23 14.65 24.75
CA LYS B 74 -5.62 14.04 23.58
C LYS B 74 -4.88 12.71 23.85
N LEU B 75 -5.12 12.14 25.04
CA LEU B 75 -4.76 10.73 25.31
C LEU B 75 -6.03 9.93 25.44
N VAL B 76 -6.04 8.76 24.81
CA VAL B 76 -7.11 7.78 24.94
C VAL B 76 -7.27 7.49 26.42
N GLN B 77 -8.45 7.77 26.96
CA GLN B 77 -8.74 7.53 28.37
C GLN B 77 -9.05 6.06 28.69
N LEU B 78 -8.40 5.56 29.74
CA LEU B 78 -8.79 4.33 30.43
C LEU B 78 -10.13 4.50 31.17
N TYR B 79 -11.02 3.52 31.01
CA TYR B 79 -12.31 3.54 31.72
C TYR B 79 -12.35 2.52 32.87
N ALA B 80 -11.79 1.33 32.64
CA ALA B 80 -11.93 0.24 33.59
C ALA B 80 -10.98 -0.92 33.27
N VAL B 81 -10.60 -1.66 34.31
CA VAL B 81 -9.83 -2.89 34.17
C VAL B 81 -10.57 -4.12 34.75
N VAL B 82 -10.14 -5.30 34.31
CA VAL B 82 -10.45 -6.56 34.96
C VAL B 82 -9.07 -7.22 35.14
N SER B 83 -8.50 -7.11 36.34
CA SER B 83 -7.06 -7.43 36.56
C SER B 83 -6.67 -8.90 36.80
N GLU B 84 -7.65 -9.76 37.05
CA GLU B 84 -7.39 -11.20 37.18
C GLU B 84 -7.62 -11.90 35.85
N GLU B 85 -6.67 -12.77 35.48
CA GLU B 85 -6.65 -13.49 34.21
C GLU B 85 -7.97 -14.23 33.95
N PRO B 86 -8.51 -14.14 32.72
CA PRO B 86 -8.06 -13.30 31.60
C PRO B 86 -8.30 -11.81 31.86
N ILE B 87 -7.30 -10.98 31.55
CA ILE B 87 -7.42 -9.53 31.77
C ILE B 87 -8.19 -8.84 30.65
N TYR B 88 -8.99 -7.83 31.01
CA TYR B 88 -9.66 -6.99 30.05
C TYR B 88 -9.31 -5.55 30.40
N ILE B 89 -9.08 -4.73 29.38
CA ILE B 89 -8.77 -3.32 29.57
C ILE B 89 -9.80 -2.56 28.73
N VAL B 90 -10.54 -1.70 29.41
CA VAL B 90 -11.61 -0.93 28.77
C VAL B 90 -11.16 0.52 28.61
N THR B 91 -11.18 1.03 27.38
CA THR B 91 -10.80 2.45 27.11
C THR B 91 -11.88 3.14 26.31
N GLU B 92 -11.78 4.46 26.17
CA GLU B 92 -12.70 5.16 25.28
C GLU B 92 -12.52 4.59 23.88
N TYR B 93 -13.61 4.56 23.12
CA TYR B 93 -13.62 3.97 21.79
C TYR B 93 -13.34 5.06 20.76
N MET B 94 -12.45 4.76 19.82
CA MET B 94 -12.09 5.71 18.79
C MET B 94 -12.57 5.17 17.47
N SER B 95 -13.64 5.76 16.97
CA SER B 95 -14.46 5.14 15.94
C SER B 95 -13.76 4.91 14.61
N LYS B 96 -12.72 5.68 14.29
CA LYS B 96 -12.11 5.61 12.96
C LYS B 96 -10.86 4.76 12.92
N GLY B 97 -10.45 4.25 14.07
CA GLY B 97 -9.29 3.36 14.14
C GLY B 97 -7.93 4.06 14.14
N SER B 98 -6.89 3.34 13.74
CA SER B 98 -5.53 3.87 13.73
C SER B 98 -5.42 4.97 12.68
N LEU B 99 -4.58 5.96 12.96
CA LEU B 99 -4.29 7.04 12.04
C LEU B 99 -3.69 6.49 10.73
N LEU B 100 -2.88 5.45 10.82
CA LEU B 100 -2.30 4.84 9.63
C LEU B 100 -3.38 4.25 8.69
N ASP B 101 -4.34 3.53 9.28
CA ASP B 101 -5.50 3.01 8.51
C ASP B 101 -6.34 4.15 7.96
N PHE B 102 -6.54 5.19 8.77
CA PHE B 102 -7.26 6.35 8.30
C PHE B 102 -6.66 7.01 7.04
N LEU B 103 -5.40 7.44 7.13
CA LEU B 103 -4.68 8.01 5.96
C LEU B 103 -4.69 7.14 4.71
N LYS B 104 -4.40 5.83 4.88
CA LYS B 104 -4.32 4.83 3.77
C LYS B 104 -5.69 4.47 3.19
N GLY B 105 -6.74 4.59 4.01
CA GLY B 105 -8.12 4.29 3.60
C GLY B 105 -8.77 5.30 2.67
N GLU B 106 -10.11 5.26 2.63
CA GLU B 106 -10.92 6.05 1.68
C GLU B 106 -10.86 7.57 1.92
N MET B 107 -10.61 7.98 3.16
CA MET B 107 -10.44 9.40 3.52
C MET B 107 -9.15 10.07 3.01
N GLY B 108 -8.04 9.35 3.00
CA GLY B 108 -6.78 9.90 2.49
C GLY B 108 -6.92 10.77 1.27
N LYS B 109 -7.62 10.25 0.28
CA LYS B 109 -8.02 10.98 -0.94
C LYS B 109 -8.46 12.41 -0.66
N TYR B 110 -9.22 12.65 0.42
CA TYR B 110 -9.85 13.99 0.66
C TYR B 110 -9.13 14.92 1.63
N LEU B 111 -8.32 14.36 2.53
CA LEU B 111 -7.45 15.16 3.41
C LEU B 111 -6.50 16.06 2.62
N ARG B 112 -6.42 17.30 3.05
CA ARG B 112 -5.48 18.26 2.52
C ARG B 112 -4.68 18.79 3.72
N LEU B 113 -3.64 19.59 3.45
CA LEU B 113 -2.79 20.14 4.54
C LEU B 113 -3.53 20.68 5.78
N PRO B 114 -4.54 21.55 5.61
CA PRO B 114 -5.18 22.07 6.83
C PRO B 114 -5.64 20.95 7.74
N GLN B 115 -6.22 19.89 7.19
CA GLN B 115 -6.64 18.75 8.02
C GLN B 115 -5.43 18.02 8.65
N LEU B 116 -4.41 17.75 7.83
CA LEU B 116 -3.22 17.03 8.28
C LEU B 116 -2.42 17.82 9.35
N VAL B 117 -2.38 19.14 9.22
CA VAL B 117 -1.64 19.95 10.16
C VAL B 117 -2.41 20.09 11.46
N ASP B 118 -3.73 20.12 11.35
CA ASP B 118 -4.61 20.18 12.54
C ASP B 118 -4.50 18.87 13.35
N MET B 119 -4.42 17.73 12.65
CA MET B 119 -4.19 16.43 13.31
C MET B 119 -2.82 16.35 14.01
N ALA B 120 -1.78 16.90 13.40
CA ALA B 120 -0.43 16.92 14.00
C ALA B 120 -0.38 17.81 15.22
N ALA B 121 -1.11 18.93 15.17
CA ALA B 121 -1.24 19.83 16.33
C ALA B 121 -1.87 19.14 17.55
N GLN B 122 -2.79 18.22 17.36
CA GLN B 122 -3.44 17.50 18.45
C GLN B 122 -2.48 16.47 19.03
N ILE B 123 -1.81 15.74 18.13
CA ILE B 123 -0.82 14.78 18.56
C ILE B 123 0.27 15.51 19.35
N ALA B 124 0.77 16.64 18.79
CA ALA B 124 1.74 17.48 19.50
C ALA B 124 1.23 17.87 20.86
N SER B 125 -0.04 18.23 20.92
CA SER B 125 -0.67 18.64 22.17
C SER B 125 -0.66 17.52 23.23
N GLY B 126 -1.00 16.29 22.81
CA GLY B 126 -0.93 15.13 23.71
C GLY B 126 0.51 14.87 24.16
N MET B 127 1.45 15.01 23.23
CA MET B 127 2.84 14.80 23.57
C MET B 127 3.37 15.90 24.50
N ALA B 128 2.90 17.13 24.35
CA ALA B 128 3.25 18.18 25.30
C ALA B 128 2.80 17.82 26.70
N TYR B 129 1.61 17.23 26.87
CA TYR B 129 1.19 16.76 28.21
C TYR B 129 2.16 15.69 28.76
N VAL B 130 2.56 14.75 27.89
CA VAL B 130 3.48 13.70 28.24
C VAL B 130 4.88 14.22 28.60
N GLU B 131 5.31 15.26 27.88
CA GLU B 131 6.54 16.00 28.15
C GLU B 131 6.47 16.60 29.56
N ARG B 132 5.38 17.32 29.81
CA ARG B 132 5.12 18.02 31.07
C ARG B 132 5.05 17.06 32.26
N MET B 133 4.52 15.87 32.06
CA MET B 133 4.48 14.85 33.11
C MET B 133 5.79 14.06 33.27
N ASN B 134 6.76 14.30 32.41
CA ASN B 134 8.01 13.54 32.44
C ASN B 134 7.93 12.07 32.04
N TYR B 135 7.02 11.73 31.15
CA TYR B 135 7.11 10.44 30.53
C TYR B 135 7.77 10.49 29.16
N VAL B 136 8.08 9.32 28.64
CA VAL B 136 8.66 9.12 27.33
C VAL B 136 7.73 8.10 26.65
N HIS B 137 7.30 8.36 25.43
CA HIS B 137 6.39 7.43 24.77
C HIS B 137 7.16 6.20 24.24
N ARG B 138 8.17 6.40 23.39
CA ARG B 138 9.02 5.29 22.87
C ARG B 138 8.54 4.63 21.59
N ASP B 139 7.27 4.80 21.22
CA ASP B 139 6.83 4.26 19.93
C ASP B 139 5.77 5.17 19.29
N LEU B 140 6.11 6.45 19.17
CA LEU B 140 5.24 7.40 18.47
C LEU B 140 5.33 7.18 16.98
N ARG B 141 4.18 6.99 16.36
CA ARG B 141 4.03 6.79 14.90
C ARG B 141 2.56 6.58 14.59
N ALA B 142 2.16 6.72 13.33
CA ALA B 142 0.75 6.79 12.94
C ALA B 142 -0.04 5.58 13.48
N ALA B 143 0.58 4.39 13.39
CA ALA B 143 0.00 3.14 13.92
C ALA B 143 -0.45 3.22 15.38
N ASN B 144 0.19 4.07 16.17
CA ASN B 144 -0.14 4.25 17.57
C ASN B 144 -0.98 5.49 17.92
N ILE B 145 -1.53 6.17 16.90
CA ILE B 145 -2.47 7.29 17.09
C ILE B 145 -3.84 6.81 16.68
N LEU B 146 -4.84 7.07 17.53
CA LEU B 146 -6.23 6.73 17.24
C LEU B 146 -7.05 7.94 16.80
N VAL B 147 -7.97 7.72 15.86
CA VAL B 147 -8.77 8.78 15.26
C VAL B 147 -10.23 8.59 15.61
N GLY B 148 -10.93 9.69 15.80
CA GLY B 148 -12.31 9.65 16.23
C GLY B 148 -13.12 10.43 15.22
N GLU B 149 -14.30 10.87 15.66
CA GLU B 149 -15.15 11.74 14.85
C GLU B 149 -14.56 13.15 14.79
N ASN B 150 -14.84 13.85 13.69
CA ASN B 150 -14.44 15.24 13.55
C ASN B 150 -12.92 15.44 13.56
N LEU B 151 -12.19 14.45 13.04
CA LEU B 151 -10.73 14.47 12.98
C LEU B 151 -10.00 14.55 14.32
N VAL B 152 -10.65 14.17 15.41
CA VAL B 152 -9.97 14.10 16.67
C VAL B 152 -8.94 12.96 16.61
N CYS B 153 -7.74 13.22 17.11
CA CYS B 153 -6.64 12.27 17.14
C CYS B 153 -6.16 12.13 18.53
N LYS B 154 -5.82 10.92 18.96
CA LYS B 154 -5.28 10.80 20.31
C LYS B 154 -4.15 9.83 20.36
N VAL B 155 -3.21 10.12 21.25
CA VAL B 155 -2.09 9.25 21.56
C VAL B 155 -2.56 8.02 22.29
N ALA B 156 -2.07 6.88 21.85
CA ALA B 156 -2.41 5.59 22.44
C ALA B 156 -1.17 4.71 22.47
N ASP B 157 -1.36 3.47 22.93
CA ASP B 157 -0.32 2.44 22.96
C ASP B 157 0.94 2.91 23.70
N PHE B 158 0.78 3.11 25.00
CA PHE B 158 1.88 3.41 25.92
C PHE B 158 2.57 2.15 26.44
N GLY B 159 2.27 0.99 25.84
CA GLY B 159 2.78 -0.30 26.30
C GLY B 159 4.29 -0.43 26.23
N PHE B 177 10.53 -4.26 14.73
CA PHE B 177 11.33 -3.21 15.36
C PHE B 177 11.25 -1.93 14.51
N PRO B 178 10.73 -0.82 15.09
CA PRO B 178 10.46 0.39 14.32
C PRO B 178 11.70 1.31 14.25
N ILE B 179 12.78 0.78 13.67
CA ILE B 179 13.97 1.58 13.49
C ILE B 179 13.67 2.86 12.67
N LYS B 180 12.88 2.71 11.59
CA LYS B 180 12.55 3.82 10.71
C LYS B 180 11.93 5.06 11.43
N TRP B 181 11.30 4.85 12.56
CA TRP B 181 10.68 5.92 13.32
C TRP B 181 11.49 6.31 14.56
N THR B 182 12.62 5.64 14.79
CA THR B 182 13.33 5.76 16.05
C THR B 182 14.53 6.67 15.89
N ALA B 183 14.74 7.56 16.86
CA ALA B 183 15.95 8.42 16.87
C ALA B 183 17.22 7.55 16.93
N PRO B 184 18.29 7.99 16.29
CA PRO B 184 19.59 7.30 16.31
C PRO B 184 20.15 6.98 17.71
N GLU B 185 20.12 7.94 18.65
CA GLU B 185 20.62 7.68 20.01
C GLU B 185 19.85 6.52 20.60
N ALA B 186 18.57 6.45 20.24
CA ALA B 186 17.68 5.50 20.84
C ALA B 186 17.82 4.17 20.14
N ALA B 187 17.98 4.19 18.84
CA ALA B 187 18.10 2.96 18.08
C ALA B 187 19.45 2.29 18.37
N LEU B 188 20.51 3.09 18.51
CA LEU B 188 21.88 2.61 18.69
C LEU B 188 22.29 2.37 20.15
N TYR B 189 21.84 3.24 21.06
CA TYR B 189 22.35 3.28 22.45
C TYR B 189 21.29 3.24 23.53
N GLY B 190 20.04 2.99 23.14
CA GLY B 190 18.94 2.91 24.10
C GLY B 190 18.65 4.21 24.85
N ARG B 191 19.20 5.32 24.35
CA ARG B 191 19.01 6.63 24.96
C ARG B 191 17.63 7.19 24.53
N PHE B 192 16.60 6.67 25.18
CA PHE B 192 15.21 7.09 24.95
C PHE B 192 14.81 8.28 25.81
N THR B 193 14.53 9.41 25.17
CA THR B 193 13.97 10.56 25.87
C THR B 193 12.84 11.18 25.09
N ILE B 194 12.14 12.09 25.76
CA ILE B 194 11.19 12.99 25.15
C ILE B 194 11.72 13.59 23.86
N LYS B 195 13.05 13.70 23.74
CA LYS B 195 13.67 14.19 22.51
C LYS B 195 13.78 13.14 21.41
N SER B 196 13.78 11.85 21.78
CA SER B 196 13.72 10.84 20.74
C SER B 196 12.27 10.73 20.21
N ASP B 197 11.28 10.99 21.07
CA ASP B 197 9.89 11.13 20.60
C ASP B 197 9.75 12.24 19.53
N VAL B 198 10.32 13.41 19.79
CA VAL B 198 10.30 14.53 18.88
C VAL B 198 10.84 14.08 17.54
N TRP B 199 11.83 13.19 17.55
CA TRP B 199 12.37 12.71 16.29
C TRP B 199 11.31 11.90 15.56
N SER B 200 10.53 11.15 16.34
CA SER B 200 9.53 10.25 15.83
C SER B 200 8.39 11.09 15.23
N PHE B 201 7.99 12.11 15.99
CA PHE B 201 7.02 13.09 15.54
C PHE B 201 7.38 13.61 14.13
N GLY B 202 8.64 14.00 13.94
CA GLY B 202 9.11 14.35 12.59
C GLY B 202 8.82 13.29 11.54
N ILE B 203 9.05 12.02 11.86
CA ILE B 203 8.69 10.96 10.92
C ILE B 203 7.15 10.89 10.74
N LEU B 204 6.43 11.01 11.84
CA LEU B 204 4.97 11.06 11.78
C LEU B 204 4.45 12.20 10.87
N LEU B 205 5.06 13.37 10.96
CA LEU B 205 4.77 14.42 10.00
C LEU B 205 4.95 13.97 8.57
N THR B 206 5.91 13.10 8.27
CA THR B 206 6.01 12.63 6.86
C THR B 206 4.94 11.62 6.54
N GLU B 207 4.54 10.79 7.51
CA GLU B 207 3.40 9.89 7.35
C GLU B 207 2.13 10.73 7.05
N LEU B 208 1.97 11.87 7.72
CA LEU B 208 0.80 12.67 7.49
C LEU B 208 0.84 13.21 6.07
N THR B 209 1.96 13.82 5.69
CA THR B 209 2.04 14.49 4.38
C THR B 209 2.14 13.54 3.16
N THR B 210 2.36 12.23 3.39
CA THR B 210 2.32 11.25 2.28
C THR B 210 1.02 10.42 2.31
N LYS B 211 0.16 10.69 3.30
CA LYS B 211 -1.08 9.92 3.51
C LYS B 211 -0.74 8.48 3.88
N GLY B 212 0.20 8.30 4.80
CA GLY B 212 0.48 6.99 5.37
C GLY B 212 1.49 6.10 4.69
N ARG B 213 2.26 6.65 3.74
CA ARG B 213 3.33 5.84 3.17
C ARG B 213 4.43 5.50 4.19
N VAL B 214 5.17 4.44 3.94
CA VAL B 214 6.22 4.01 4.87
C VAL B 214 7.43 4.92 4.64
N PRO B 215 8.04 5.41 5.72
CA PRO B 215 9.16 6.35 5.53
C PRO B 215 10.35 5.65 4.92
N TYR B 216 11.22 6.44 4.29
CA TYR B 216 12.40 5.96 3.52
C TYR B 216 12.04 4.97 2.42
N PRO B 217 11.16 5.38 1.48
CA PRO B 217 10.64 4.43 0.47
C PRO B 217 11.77 3.75 -0.24
N GLY B 218 11.71 2.41 -0.29
CA GLY B 218 12.71 1.61 -0.98
C GLY B 218 13.98 1.27 -0.21
N MET B 219 14.09 1.75 1.04
CA MET B 219 15.23 1.45 1.90
C MET B 219 14.89 0.43 2.97
N VAL B 220 15.82 -0.49 3.22
CA VAL B 220 15.64 -1.46 4.30
C VAL B 220 16.30 -0.92 5.58
N ASN B 221 15.92 -1.45 6.73
CA ASN B 221 16.48 -0.98 8.01
C ASN B 221 17.99 -0.61 8.05
N ARG B 222 18.89 -1.46 7.53
CA ARG B 222 20.34 -1.13 7.55
C ARG B 222 20.66 0.08 6.69
N GLU B 223 20.04 0.17 5.52
CA GLU B 223 20.25 1.33 4.65
C GLU B 223 19.92 2.62 5.43
N VAL B 224 18.79 2.59 6.13
CA VAL B 224 18.34 3.68 6.99
C VAL B 224 19.33 4.06 8.10
N LEU B 225 19.77 3.09 8.92
CA LEU B 225 20.78 3.36 9.95
C LEU B 225 22.07 3.95 9.37
N ASP B 226 22.58 3.31 8.32
CA ASP B 226 23.79 3.77 7.65
C ASP B 226 23.59 5.20 7.14
N GLN B 227 22.51 5.39 6.38
CA GLN B 227 22.28 6.65 5.70
C GLN B 227 21.98 7.83 6.63
N VAL B 228 21.24 7.61 7.71
CA VAL B 228 20.97 8.74 8.59
C VAL B 228 22.09 9.04 9.56
N GLU B 229 22.94 8.05 9.83
CA GLU B 229 24.21 8.28 10.53
C GLU B 229 25.16 9.10 9.66
N ARG B 230 25.19 8.79 8.36
CA ARG B 230 26.00 9.55 7.43
C ARG B 230 25.35 10.89 7.04
N GLY B 231 24.27 11.27 7.74
CA GLY B 231 23.61 12.57 7.52
C GLY B 231 22.36 12.67 6.63
N TYR B 232 21.95 11.59 5.97
CA TYR B 232 20.75 11.60 5.14
C TYR B 232 19.47 11.91 5.96
N ARG B 233 18.56 12.65 5.34
CA ARG B 233 17.23 12.92 5.87
C ARG B 233 16.26 12.84 4.69
N MET B 234 15.00 12.46 4.94
CA MET B 234 14.00 12.44 3.86
C MET B 234 13.81 13.80 3.21
N PRO B 235 13.75 13.85 1.87
CA PRO B 235 13.55 15.14 1.21
C PRO B 235 12.12 15.64 1.45
N CYS B 236 11.83 16.83 0.94
CA CYS B 236 10.49 17.40 0.97
C CYS B 236 9.55 16.54 0.10
N PRO B 237 8.50 15.99 0.72
CA PRO B 237 7.37 15.25 0.14
C PRO B 237 6.68 16.09 -0.94
N PRO B 238 6.24 15.47 -2.06
CA PRO B 238 5.45 16.16 -3.12
C PRO B 238 4.40 17.15 -2.58
N GLU B 239 4.43 18.39 -3.06
CA GLU B 239 3.48 19.41 -2.66
C GLU B 239 3.51 19.79 -1.20
N CYS B 240 4.41 19.23 -0.40
CA CYS B 240 4.60 19.74 0.96
C CYS B 240 5.37 21.05 0.84
N PRO B 241 4.95 22.07 1.60
CA PRO B 241 5.68 23.33 1.65
C PRO B 241 7.04 23.21 2.35
N GLU B 242 8.05 23.92 1.83
CA GLU B 242 9.41 23.97 2.42
C GLU B 242 9.40 24.17 3.95
N SER B 243 8.61 25.11 4.45
CA SER B 243 8.56 25.46 5.88
C SER B 243 8.12 24.33 6.81
N LEU B 244 7.31 23.40 6.31
CA LEU B 244 6.92 22.24 7.10
C LEU B 244 8.02 21.16 7.06
N HIS B 245 8.64 20.96 5.89
CA HIS B 245 9.79 20.08 5.83
C HIS B 245 10.92 20.62 6.70
N ASP B 246 11.03 21.93 6.77
CA ASP B 246 12.03 22.53 7.65
C ASP B 246 11.76 22.18 9.12
N LEU B 247 10.48 22.06 9.50
CA LEU B 247 10.13 21.68 10.87
C LEU B 247 10.49 20.21 11.09
N MET B 248 10.28 19.39 10.06
CA MET B 248 10.68 17.98 10.10
C MET B 248 12.19 17.91 10.37
N CYS B 249 12.96 18.65 9.58
CA CYS B 249 14.40 18.75 9.77
C CYS B 249 14.82 19.26 11.14
N GLN B 250 14.02 20.13 11.75
CA GLN B 250 14.36 20.53 13.11
C GLN B 250 14.20 19.35 14.07
N CYS B 251 13.21 18.49 13.82
CA CYS B 251 12.94 17.33 14.68
C CYS B 251 14.04 16.26 14.47
N TRP B 252 14.71 16.31 13.32
CA TRP B 252 15.72 15.35 12.96
C TRP B 252 17.17 15.87 13.15
N ARG B 253 17.30 16.94 13.93
CA ARG B 253 18.59 17.45 14.37
C ARG B 253 19.37 16.34 15.07
N LYS B 254 20.63 16.11 14.66
CA LYS B 254 21.47 15.05 15.24
C LYS B 254 21.65 15.21 16.75
N ASP B 255 21.66 16.46 17.20
CA ASP B 255 21.74 16.78 18.64
C ASP B 255 20.37 16.83 19.33
N PRO B 256 20.07 15.80 20.14
CA PRO B 256 18.78 15.69 20.83
C PRO B 256 18.32 17.00 21.47
N GLU B 257 19.21 17.72 22.14
CA GLU B 257 18.85 18.95 22.87
C GLU B 257 18.52 20.12 21.93
N GLU B 258 19.00 20.08 20.71
CA GLU B 258 18.70 21.12 19.72
C GLU B 258 17.32 20.95 19.08
N ARG B 259 16.67 19.82 19.37
CA ARG B 259 15.38 19.50 18.82
C ARG B 259 14.33 20.29 19.60
N PRO B 260 13.24 20.74 18.94
CA PRO B 260 12.24 21.54 19.63
C PRO B 260 11.43 20.74 20.64
N THR B 261 10.87 21.40 21.64
CA THR B 261 9.92 20.81 22.54
C THR B 261 8.59 20.55 21.81
N PHE B 262 7.74 19.75 22.45
CA PHE B 262 6.39 19.55 21.93
C PHE B 262 5.52 20.82 22.00
N GLU B 263 5.69 21.60 23.08
CA GLU B 263 5.03 22.89 23.27
C GLU B 263 5.35 23.81 22.11
N TYR B 264 6.61 23.85 21.73
CA TYR B 264 6.94 24.58 20.51
C TYR B 264 6.18 23.99 19.29
N LEU B 265 6.18 22.66 19.12
CA LEU B 265 5.58 22.04 17.91
C LEU B 265 4.06 22.31 17.82
N GLN B 266 3.41 22.20 18.97
CA GLN B 266 2.01 22.46 19.07
C GLN B 266 1.66 23.87 18.57
N ALA B 267 2.28 24.86 19.23
CA ALA B 267 2.13 26.26 18.96
C ALA B 267 2.40 26.58 17.50
N PHE B 268 3.51 26.09 16.93
CA PHE B 268 3.81 26.30 15.49
C PHE B 268 2.66 25.80 14.56
N LEU B 269 2.11 24.64 14.92
CA LEU B 269 1.18 23.92 14.05
C LEU B 269 -0.22 24.52 14.18
N GLU B 270 -0.61 24.92 15.40
CA GLU B 270 -1.86 25.65 15.62
C GLU B 270 -1.94 26.95 14.84
N ASP B 271 -0.80 27.61 14.60
CA ASP B 271 -0.75 28.96 13.98
C ASP B 271 -0.31 28.86 12.52
N TYR B 272 -0.05 27.64 12.07
CA TYR B 272 0.64 27.44 10.79
C TYR B 272 0.09 28.28 9.65
N PHE B 273 -1.24 28.34 9.56
CA PHE B 273 -1.86 28.99 8.40
C PHE B 273 -1.97 30.51 8.40
N THR B 274 -1.77 31.15 9.55
CA THR B 274 -1.62 32.60 9.49
C THR B 274 -0.16 33.01 9.64
N SER B 275 0.57 32.42 10.58
CA SER B 275 1.92 32.86 10.92
C SER B 275 3.00 32.46 9.96
N THR B 276 2.81 31.35 9.26
CA THR B 276 3.93 30.70 8.56
C THR B 276 3.60 30.50 7.11
N GLU B 277 2.39 30.04 6.81
CA GLU B 277 2.03 29.76 5.43
C GLU B 277 0.71 30.45 5.07
N PRO B 278 0.66 31.80 5.20
CA PRO B 278 -0.64 32.49 5.07
C PRO B 278 -1.16 32.59 3.64
N GLN B 279 -0.35 32.29 2.64
CA GLN B 279 -0.82 32.28 1.24
C GLN B 279 -0.99 30.86 0.72
N TYR B 280 -1.21 29.89 1.61
CA TYR B 280 -1.41 28.52 1.21
C TYR B 280 -2.60 28.38 0.25
N GLN B 281 -2.37 27.60 -0.81
CA GLN B 281 -3.34 27.30 -1.84
C GLN B 281 -3.46 25.78 -2.01
N PRO B 282 -4.69 25.24 -1.90
CA PRO B 282 -4.95 23.80 -2.02
C PRO B 282 -4.39 23.30 -3.33
N GLY B 283 -3.84 22.08 -3.33
CA GLY B 283 -3.25 21.52 -4.54
C GLY B 283 -3.95 20.24 -4.92
N GLU B 284 -3.31 19.46 -5.80
CA GLU B 284 -3.85 18.15 -6.20
C GLU B 284 -3.95 17.16 -5.03
N ASN B 285 -2.97 17.18 -4.13
CA ASN B 285 -2.92 16.24 -3.03
C ASN B 285 -2.87 16.82 -1.64
N LEU B 286 -2.17 17.95 -1.49
CA LEU B 286 -2.04 18.58 -0.17
C LEU B 286 -2.53 20.02 -0.20
#